data_2GAS
#
_entry.id   2GAS
#
_cell.length_a   176.064
_cell.length_b   53.000
_cell.length_c   74.397
_cell.angle_alpha   90.00
_cell.angle_beta   112.72
_cell.angle_gamma   90.00
#
_symmetry.space_group_name_H-M   'C 1 2 1'
#
loop_
_entity.id
_entity.type
_entity.pdbx_description
1 polymer 'isoflavone reductase'
2 water water
#
_entity_poly.entity_id   1
_entity_poly.type   'polypeptide(L)'
_entity_poly.pdbx_seq_one_letter_code
;TENKILILGPTGAIGRHIVWASIKAGNPTYALVRKTITAANPETKEELIDNYQSLGVILLEGDINDHETLVKAIKQVDIV
ICAAGRLLIEDQVKIIKAIKEAGNVKKFFPSEFGLDVDRHDAVEPVRQVFEEKASIRRVIEAEGVPYTYLCCHAFTGYFL
RNLAQLDATDPPRDKVVILGDGNVKGAYVTEADVGTFTIRAANDPNTLNKAVHIRLPKNYLTQNEVIALWEKKIGKTLEK
TYVSEEQVLKDIQESSFPHNYLLALYHSQQIKGDAVYEIDPAKDIEASEAYPDVTYTTADEYLNQFV
;
_entity_poly.pdbx_strand_id   A,B
#
# COMPACT_ATOMS: atom_id res chain seq x y z
N THR A 1 -27.62 23.20 14.03
CA THR A 1 -26.16 23.52 14.17
C THR A 1 -25.73 23.61 15.62
N GLU A 2 -26.63 23.26 16.54
CA GLU A 2 -26.34 23.29 17.96
C GLU A 2 -25.44 22.12 18.37
N ASN A 3 -25.48 21.05 17.57
CA ASN A 3 -24.68 19.86 17.87
C ASN A 3 -23.17 20.10 17.79
N LYS A 4 -22.48 19.78 18.88
CA LYS A 4 -21.03 19.90 18.94
C LYS A 4 -20.50 18.58 18.41
N ILE A 5 -19.73 18.64 17.34
CA ILE A 5 -19.20 17.44 16.68
C ILE A 5 -17.70 17.23 16.86
N LEU A 6 -17.33 16.06 17.37
CA LEU A 6 -15.93 15.70 17.60
C LEU A 6 -15.49 14.70 16.55
N ILE A 7 -14.40 15.00 15.87
CA ILE A 7 -13.87 14.11 14.84
C ILE A 7 -12.57 13.45 15.28
N LEU A 8 -12.59 12.11 15.34
CA LEU A 8 -11.41 11.34 15.69
C LEU A 8 -10.76 11.02 14.34
N GLY A 9 -9.42 11.06 14.29
CA GLY A 9 -8.70 10.83 13.04
C GLY A 9 -8.95 12.02 12.12
N PRO A 10 -8.99 13.25 12.66
CA PRO A 10 -9.24 14.46 11.88
C PRO A 10 -8.28 14.81 10.75
N THR A 11 -7.03 14.35 10.81
CA THR A 11 -6.10 14.68 9.74
C THR A 11 -5.97 13.60 8.67
N GLY A 12 -6.77 12.54 8.79
CA GLY A 12 -6.71 11.48 7.79
C GLY A 12 -7.29 11.93 6.45
N ALA A 13 -7.13 11.11 5.42
CA ALA A 13 -7.63 11.44 4.09
C ALA A 13 -9.13 11.67 4.11
N ILE A 14 -9.84 10.88 4.91
CA ILE A 14 -11.29 11.00 5.01
C ILE A 14 -11.71 12.02 6.06
N GLY A 15 -11.07 11.94 7.23
CA GLY A 15 -11.41 12.83 8.32
C GLY A 15 -11.34 14.32 8.03
N ARG A 16 -10.36 14.76 7.24
CA ARG A 16 -10.24 16.19 6.95
C ARG A 16 -11.48 16.75 6.28
N HIS A 17 -12.11 15.97 5.42
CA HIS A 17 -13.30 16.45 4.73
C HIS A 17 -14.51 16.51 5.65
N ILE A 18 -14.51 15.68 6.68
CA ILE A 18 -15.58 15.68 7.68
C ILE A 18 -15.40 16.94 8.53
N VAL A 19 -14.16 17.25 8.89
CA VAL A 19 -13.89 18.45 9.67
C VAL A 19 -14.33 19.67 8.87
N TRP A 20 -13.92 19.76 7.61
CA TRP A 20 -14.30 20.90 6.79
C TRP A 20 -15.81 21.01 6.57
N ALA A 21 -16.49 19.88 6.41
CA ALA A 21 -17.94 19.92 6.19
C ALA A 21 -18.64 20.37 7.47
N SER A 22 -18.09 20.00 8.62
CA SER A 22 -18.68 20.40 9.89
C SER A 22 -18.58 21.91 10.02
N ILE A 23 -17.42 22.46 9.69
CA ILE A 23 -17.22 23.90 9.75
C ILE A 23 -18.15 24.61 8.77
N LYS A 24 -18.23 24.08 7.57
CA LYS A 24 -19.08 24.65 6.52
C LYS A 24 -20.55 24.72 6.94
N ALA A 25 -21.03 23.65 7.57
CA ALA A 25 -22.41 23.58 8.04
C ALA A 25 -22.68 24.53 9.20
N GLY A 26 -21.61 24.94 9.88
CA GLY A 26 -21.74 25.86 11.00
C GLY A 26 -21.74 25.21 12.37
N ASN A 27 -21.47 23.91 12.43
CA ASN A 27 -21.45 23.22 13.71
C ASN A 27 -20.22 23.54 14.52
N PRO A 28 -20.35 23.58 15.86
CA PRO A 28 -19.16 23.86 16.66
C PRO A 28 -18.36 22.58 16.37
N THR A 29 -17.14 22.73 15.89
CA THR A 29 -16.33 21.59 15.48
C THR A 29 -15.10 21.36 16.35
N TYR A 30 -14.91 20.11 16.78
CA TYR A 30 -13.80 19.72 17.63
C TYR A 30 -13.00 18.59 16.98
N ALA A 31 -11.69 18.60 17.18
CA ALA A 31 -10.83 17.56 16.61
C ALA A 31 -9.92 17.01 17.71
N LEU A 32 -9.88 15.69 17.86
CA LEU A 32 -9.02 15.07 18.87
C LEU A 32 -7.63 14.93 18.30
N VAL A 33 -6.66 15.58 18.94
CA VAL A 33 -5.28 15.53 18.49
C VAL A 33 -4.32 15.39 19.66
N ARG A 34 -3.23 14.67 19.41
CA ARG A 34 -2.21 14.46 20.42
C ARG A 34 -1.16 15.56 20.30
N LYS A 35 -0.87 16.24 21.39
CA LYS A 35 0.13 17.30 21.37
C LYS A 35 1.49 16.72 21.70
N THR A 36 1.78 15.58 21.07
CA THR A 36 3.03 14.89 21.26
C THR A 36 3.64 14.56 19.91
N ILE A 37 4.93 14.26 19.88
CA ILE A 37 5.62 13.95 18.64
C ILE A 37 5.51 12.49 18.23
N THR A 38 4.92 12.26 17.06
CA THR A 38 4.76 10.91 16.52
C THR A 38 5.39 10.86 15.15
N ALA A 39 5.26 9.73 14.47
CA ALA A 39 5.83 9.56 13.14
C ALA A 39 4.91 10.07 12.02
N ALA A 40 3.81 10.71 12.38
CA ALA A 40 2.88 11.24 11.38
C ALA A 40 3.58 12.23 10.46
N ASN A 41 3.19 12.24 9.18
CA ASN A 41 3.81 13.16 8.23
C ASN A 41 3.67 14.55 8.85
N PRO A 42 4.81 15.23 9.12
CA PRO A 42 4.80 16.56 9.73
C PRO A 42 4.22 17.71 8.90
N GLU A 43 4.41 17.67 7.58
CA GLU A 43 3.88 18.75 6.76
C GLU A 43 2.36 18.67 6.71
N THR A 44 1.83 17.48 6.47
CA THR A 44 0.38 17.31 6.40
C THR A 44 -0.27 17.64 7.74
N LYS A 45 0.28 17.11 8.82
CA LYS A 45 -0.30 17.36 10.14
C LYS A 45 -0.32 18.85 10.45
N GLU A 46 0.84 19.48 10.30
CA GLU A 46 1.01 20.90 10.57
C GLU A 46 0.06 21.75 9.72
N GLU A 47 0.05 21.51 8.41
CA GLU A 47 -0.81 22.27 7.52
C GLU A 47 -2.29 22.12 7.85
N LEU A 48 -2.72 20.90 8.13
CA LEU A 48 -4.12 20.65 8.43
C LEU A 48 -4.52 21.27 9.77
N ILE A 49 -3.71 21.05 10.80
CA ILE A 49 -4.03 21.61 12.11
C ILE A 49 -4.08 23.14 12.09
N ASP A 50 -3.14 23.76 11.39
CA ASP A 50 -3.12 25.22 11.30
C ASP A 50 -4.39 25.70 10.61
N ASN A 51 -4.76 25.01 9.53
CA ASN A 51 -5.96 25.35 8.79
C ASN A 51 -7.19 25.22 9.68
N TYR A 52 -7.29 24.11 10.40
CA TYR A 52 -8.42 23.88 11.29
C TYR A 52 -8.54 25.01 12.32
N GLN A 53 -7.44 25.36 12.95
CA GLN A 53 -7.49 26.42 13.95
C GLN A 53 -7.88 27.77 13.35
N SER A 54 -7.45 28.04 12.12
CA SER A 54 -7.80 29.30 11.47
C SER A 54 -9.29 29.36 11.16
N LEU A 55 -9.93 28.19 11.13
CA LEU A 55 -11.36 28.08 10.84
C LEU A 55 -12.23 28.01 12.10
N GLY A 56 -11.59 27.99 13.26
CA GLY A 56 -12.33 27.93 14.50
C GLY A 56 -12.51 26.54 15.07
N VAL A 57 -11.85 25.55 14.49
CA VAL A 57 -11.95 24.19 15.02
C VAL A 57 -11.27 24.20 16.37
N ILE A 58 -11.92 23.58 17.35
CA ILE A 58 -11.39 23.48 18.71
C ILE A 58 -10.62 22.17 18.85
N LEU A 59 -9.35 22.27 19.24
CA LEU A 59 -8.53 21.08 19.41
C LEU A 59 -8.62 20.55 20.83
N LEU A 60 -9.02 19.30 20.97
CA LEU A 60 -9.11 18.67 22.27
C LEU A 60 -7.93 17.71 22.34
N GLU A 61 -7.13 17.82 23.41
CA GLU A 61 -5.96 16.97 23.56
C GLU A 61 -6.31 15.59 24.08
N GLY A 62 -5.85 14.57 23.38
CA GLY A 62 -6.13 13.21 23.80
C GLY A 62 -5.71 12.15 22.82
N ASP A 63 -5.72 10.91 23.27
CA ASP A 63 -5.34 9.77 22.45
C ASP A 63 -6.31 8.63 22.68
N ILE A 64 -6.76 8.02 21.59
CA ILE A 64 -7.71 6.90 21.66
C ILE A 64 -7.24 5.87 22.68
N ASN A 65 -5.92 5.80 22.89
CA ASN A 65 -5.36 4.84 23.83
C ASN A 65 -5.19 5.39 25.25
N ASP A 66 -5.68 6.59 25.48
CA ASP A 66 -5.60 7.21 26.80
C ASP A 66 -7.04 7.49 27.25
N HIS A 67 -7.64 6.48 27.89
CA HIS A 67 -9.02 6.55 28.35
C HIS A 67 -9.44 7.85 29.02
N GLU A 68 -8.63 8.34 29.97
CA GLU A 68 -8.94 9.57 30.67
C GLU A 68 -9.15 10.76 29.73
N THR A 69 -8.22 10.92 28.79
CA THR A 69 -8.30 12.02 27.84
C THR A 69 -9.52 11.83 26.92
N LEU A 70 -9.80 10.59 26.57
CA LEU A 70 -10.93 10.27 25.70
C LEU A 70 -12.25 10.68 26.34
N VAL A 71 -12.48 10.24 27.57
CA VAL A 71 -13.71 10.57 28.29
C VAL A 71 -13.83 12.08 28.46
N LYS A 72 -12.74 12.74 28.82
CA LYS A 72 -12.74 14.18 29.02
C LYS A 72 -13.12 14.95 27.75
N ALA A 73 -12.64 14.47 26.61
CA ALA A 73 -12.93 15.11 25.33
C ALA A 73 -14.39 14.89 24.94
N ILE A 74 -14.82 13.63 25.04
CA ILE A 74 -16.18 13.26 24.67
C ILE A 74 -17.25 13.97 25.51
N LYS A 75 -16.95 14.25 26.78
CA LYS A 75 -17.91 14.93 27.63
C LYS A 75 -18.20 16.36 27.16
N GLN A 76 -17.32 16.88 26.31
CA GLN A 76 -17.49 18.24 25.81
C GLN A 76 -18.29 18.36 24.53
N VAL A 77 -18.66 17.24 23.92
CA VAL A 77 -19.40 17.26 22.67
C VAL A 77 -20.69 16.46 22.69
N ASP A 78 -21.40 16.49 21.56
CA ASP A 78 -22.67 15.79 21.42
C ASP A 78 -22.57 14.60 20.46
N ILE A 79 -21.81 14.77 19.39
CA ILE A 79 -21.64 13.74 18.37
C ILE A 79 -20.18 13.36 18.19
N VAL A 80 -19.91 12.06 18.10
CA VAL A 80 -18.56 11.56 17.95
C VAL A 80 -18.46 10.80 16.63
N ILE A 81 -17.50 11.20 15.80
CA ILE A 81 -17.29 10.57 14.52
C ILE A 81 -15.89 9.96 14.43
N CYS A 82 -15.83 8.64 14.25
CA CYS A 82 -14.54 7.97 14.13
C CYS A 82 -14.23 7.85 12.64
N ALA A 83 -13.47 8.80 12.12
CA ALA A 83 -13.12 8.82 10.70
C ALA A 83 -12.17 7.69 10.36
N ALA A 84 -12.47 6.98 9.28
CA ALA A 84 -11.64 5.87 8.84
C ALA A 84 -10.24 6.35 8.48
N GLY A 85 -9.25 5.54 8.80
CA GLY A 85 -7.87 5.89 8.51
C GLY A 85 -6.87 5.06 9.30
N ARG A 86 -5.93 5.76 9.96
CA ARG A 86 -4.89 5.12 10.76
C ARG A 86 -5.40 4.34 11.96
N LEU A 87 -6.49 4.82 12.57
CA LEU A 87 -7.05 4.15 13.73
C LEU A 87 -7.46 2.71 13.43
N LEU A 88 -7.15 1.80 14.36
CA LEU A 88 -7.49 0.40 14.20
C LEU A 88 -8.97 0.18 14.47
N ILE A 89 -9.61 -0.65 13.64
CA ILE A 89 -11.03 -0.92 13.82
C ILE A 89 -11.31 -1.42 15.23
N GLU A 90 -10.52 -2.40 15.67
CA GLU A 90 -10.71 -2.98 17.00
C GLU A 90 -10.57 -2.01 18.16
N ASP A 91 -9.88 -0.89 17.96
CA ASP A 91 -9.72 0.08 19.03
C ASP A 91 -11.00 0.84 19.34
N GLN A 92 -12.02 0.68 18.51
CA GLN A 92 -13.27 1.37 18.78
C GLN A 92 -13.93 0.82 20.04
N VAL A 93 -13.42 -0.32 20.52
CA VAL A 93 -13.92 -0.91 21.77
C VAL A 93 -13.59 0.07 22.87
N LYS A 94 -12.39 0.65 22.78
CA LYS A 94 -11.93 1.62 23.77
C LYS A 94 -12.75 2.89 23.65
N ILE A 95 -13.09 3.28 22.42
CA ILE A 95 -13.89 4.49 22.22
C ILE A 95 -15.29 4.32 22.80
N ILE A 96 -15.88 3.14 22.60
CA ILE A 96 -17.22 2.86 23.10
C ILE A 96 -17.21 2.86 24.63
N LYS A 97 -16.15 2.34 25.22
CA LYS A 97 -16.04 2.31 26.68
C LYS A 97 -16.06 3.76 27.18
N ALA A 98 -15.30 4.63 26.52
CA ALA A 98 -15.24 6.03 26.92
C ALA A 98 -16.59 6.73 26.71
N ILE A 99 -17.28 6.39 25.62
CA ILE A 99 -18.59 6.97 25.34
C ILE A 99 -19.59 6.61 26.43
N LYS A 100 -19.58 5.33 26.83
CA LYS A 100 -20.49 4.86 27.87
C LYS A 100 -20.25 5.58 29.19
N GLU A 101 -18.98 5.80 29.53
CA GLU A 101 -18.66 6.50 30.77
C GLU A 101 -19.09 7.95 30.72
N ALA A 102 -18.87 8.61 29.57
CA ALA A 102 -19.24 10.01 29.41
C ALA A 102 -20.76 10.15 29.57
N GLY A 103 -21.49 9.26 28.91
CA GLY A 103 -22.94 9.24 28.99
C GLY A 103 -23.76 10.32 28.30
N ASN A 104 -23.09 11.31 27.72
CA ASN A 104 -23.78 12.41 27.06
C ASN A 104 -23.89 12.32 25.54
N VAL A 105 -23.29 11.30 24.94
CA VAL A 105 -23.30 11.17 23.48
C VAL A 105 -24.67 10.96 22.85
N LYS A 106 -25.02 11.85 21.92
CA LYS A 106 -26.29 11.78 21.21
C LYS A 106 -26.20 10.98 19.92
N LYS A 107 -24.99 10.78 19.42
CA LYS A 107 -24.81 10.00 18.20
C LYS A 107 -23.35 9.64 17.97
N PHE A 108 -23.11 8.38 17.64
CA PHE A 108 -21.76 7.90 17.36
C PHE A 108 -21.68 7.32 15.96
N PHE A 109 -20.69 7.80 15.20
CA PHE A 109 -20.43 7.31 13.86
C PHE A 109 -19.19 6.45 13.91
N PRO A 110 -19.34 5.11 13.85
CA PRO A 110 -18.11 4.31 13.89
C PRO A 110 -17.36 4.39 12.56
N SER A 111 -16.18 3.78 12.51
CA SER A 111 -15.33 3.79 11.33
C SER A 111 -15.88 2.90 10.21
N GLU A 112 -16.89 3.41 9.52
CA GLU A 112 -17.51 2.70 8.42
C GLU A 112 -16.92 3.25 7.14
N PHE A 113 -17.65 4.16 6.50
CA PHE A 113 -17.16 4.82 5.28
C PHE A 113 -16.76 3.88 4.15
N GLY A 114 -17.57 2.86 3.94
CA GLY A 114 -17.34 1.90 2.89
C GLY A 114 -18.67 1.25 2.54
N LEU A 115 -18.63 -0.02 2.18
CA LEU A 115 -19.87 -0.72 1.84
C LEU A 115 -20.65 -0.98 3.13
N ASP A 116 -21.86 -1.50 3.00
CA ASP A 116 -22.66 -1.85 4.16
C ASP A 116 -22.13 -3.22 4.58
N VAL A 117 -21.38 -3.29 5.67
CA VAL A 117 -20.79 -4.56 6.10
C VAL A 117 -21.77 -5.63 6.55
N ASP A 118 -23.05 -5.30 6.63
CA ASP A 118 -24.06 -6.29 6.99
C ASP A 118 -24.70 -6.81 5.72
N ARG A 119 -24.19 -6.32 4.58
CA ARG A 119 -24.68 -6.70 3.26
C ARG A 119 -23.55 -6.97 2.28
N HIS A 120 -22.85 -8.09 2.44
CA HIS A 120 -21.77 -8.41 1.52
C HIS A 120 -21.63 -9.92 1.35
N ASP A 121 -20.90 -10.30 0.31
CA ASP A 121 -20.65 -11.71 0.00
C ASP A 121 -19.19 -11.81 -0.39
N ALA A 122 -18.34 -11.05 0.30
CA ALA A 122 -16.91 -11.01 0.00
C ALA A 122 -16.14 -12.25 0.40
N VAL A 123 -14.94 -12.39 -0.18
CA VAL A 123 -14.06 -13.51 0.11
C VAL A 123 -12.84 -13.00 0.86
N GLU A 124 -12.09 -13.91 1.49
CA GLU A 124 -10.90 -13.49 2.21
C GLU A 124 -9.87 -12.97 1.22
N PRO A 125 -8.94 -12.12 1.68
CA PRO A 125 -8.79 -11.65 3.06
C PRO A 125 -9.63 -10.42 3.44
N VAL A 126 -10.40 -9.89 2.49
CA VAL A 126 -11.19 -8.70 2.81
C VAL A 126 -12.41 -9.03 3.68
N ARG A 127 -12.93 -10.24 3.53
CA ARG A 127 -14.09 -10.67 4.29
C ARG A 127 -13.92 -10.46 5.79
N GLN A 128 -12.75 -10.83 6.32
CA GLN A 128 -12.51 -10.68 7.74
C GLN A 128 -12.54 -9.23 8.22
N VAL A 129 -12.08 -8.31 7.38
CA VAL A 129 -12.09 -6.90 7.75
C VAL A 129 -13.53 -6.41 7.85
N PHE A 130 -14.36 -6.81 6.90
CA PHE A 130 -15.76 -6.41 6.89
C PHE A 130 -16.44 -6.98 8.14
N GLU A 131 -16.14 -8.23 8.46
CA GLU A 131 -16.72 -8.85 9.65
C GLU A 131 -16.27 -8.19 10.93
N GLU A 132 -15.05 -7.67 10.94
CA GLU A 132 -14.54 -6.98 12.13
C GLU A 132 -15.37 -5.71 12.35
N LYS A 133 -15.73 -5.04 11.26
CA LYS A 133 -16.54 -3.83 11.38
C LYS A 133 -17.96 -4.21 11.81
N ALA A 134 -18.46 -5.32 11.29
CA ALA A 134 -19.81 -5.77 11.67
C ALA A 134 -19.83 -6.09 13.16
N SER A 135 -18.74 -6.66 13.67
CA SER A 135 -18.67 -6.99 15.09
C SER A 135 -18.77 -5.72 15.93
N ILE A 136 -18.14 -4.65 15.47
CA ILE A 136 -18.21 -3.38 16.18
C ILE A 136 -19.65 -2.87 16.18
N ARG A 137 -20.37 -3.07 15.08
CA ARG A 137 -21.77 -2.65 15.03
C ARG A 137 -22.54 -3.37 16.13
N ARG A 138 -22.28 -4.66 16.27
CA ARG A 138 -22.97 -5.45 17.29
C ARG A 138 -22.70 -4.93 18.70
N VAL A 139 -21.46 -4.50 18.95
CA VAL A 139 -21.11 -3.97 20.26
C VAL A 139 -21.89 -2.69 20.51
N ILE A 140 -21.88 -1.80 19.51
CA ILE A 140 -22.58 -0.53 19.59
C ILE A 140 -24.08 -0.74 19.87
N GLU A 141 -24.68 -1.67 19.14
CA GLU A 141 -26.09 -1.96 19.32
C GLU A 141 -26.39 -2.57 20.68
N ALA A 142 -25.53 -3.49 21.11
CA ALA A 142 -25.72 -4.13 22.40
C ALA A 142 -25.61 -3.11 23.54
N GLU A 143 -24.64 -2.19 23.42
CA GLU A 143 -24.41 -1.16 24.44
C GLU A 143 -25.44 -0.04 24.46
N GLY A 144 -26.29 0.02 23.44
CA GLY A 144 -27.30 1.07 23.40
C GLY A 144 -26.76 2.44 23.07
N VAL A 145 -25.66 2.48 22.32
CA VAL A 145 -25.08 3.76 21.93
C VAL A 145 -25.82 4.20 20.68
N PRO A 146 -26.40 5.42 20.68
CA PRO A 146 -27.13 5.90 19.50
C PRO A 146 -26.13 5.97 18.37
N TYR A 147 -26.48 5.40 17.22
CA TYR A 147 -25.54 5.33 16.11
C TYR A 147 -26.04 5.69 14.71
N THR A 148 -25.08 5.83 13.81
CA THR A 148 -25.34 6.05 12.39
C THR A 148 -24.16 5.41 11.67
N TYR A 149 -24.45 4.51 10.74
CA TYR A 149 -23.42 3.82 9.97
C TYR A 149 -23.39 4.50 8.61
N LEU A 150 -22.30 5.20 8.31
CA LEU A 150 -22.19 5.92 7.04
C LEU A 150 -21.57 5.02 5.99
N CYS A 151 -22.41 4.48 5.11
CA CYS A 151 -21.96 3.57 4.06
C CYS A 151 -21.88 4.34 2.75
N CYS A 152 -20.70 4.88 2.47
CA CYS A 152 -20.47 5.69 1.28
C CYS A 152 -19.94 4.92 0.08
N HIS A 153 -19.75 3.62 0.26
CA HIS A 153 -19.24 2.78 -0.81
C HIS A 153 -17.89 3.21 -1.40
N ALA A 154 -17.79 3.34 -2.72
CA ALA A 154 -16.51 3.64 -3.34
C ALA A 154 -16.03 5.08 -3.48
N PHE A 155 -14.98 5.42 -2.74
CA PHE A 155 -14.41 6.77 -2.80
C PHE A 155 -13.79 6.93 -4.18
N THR A 156 -14.00 8.09 -4.79
CA THR A 156 -13.42 8.34 -6.12
C THR A 156 -11.90 8.29 -6.09
N GLY A 157 -11.31 8.88 -5.05
CA GLY A 157 -9.86 8.90 -4.94
C GLY A 157 -9.21 7.56 -4.73
N TYR A 158 -10.00 6.55 -4.39
CA TYR A 158 -9.47 5.21 -4.16
C TYR A 158 -9.84 4.20 -5.25
N PHE A 159 -11.08 4.27 -5.74
CA PHE A 159 -11.54 3.33 -6.76
C PHE A 159 -11.57 3.88 -8.18
N LEU A 160 -12.25 5.01 -8.36
CA LEU A 160 -12.39 5.60 -9.67
C LEU A 160 -11.12 6.18 -10.27
N ARG A 161 -10.24 6.71 -9.43
CA ARG A 161 -9.03 7.31 -9.93
C ARG A 161 -8.23 6.42 -10.87
N ASN A 162 -8.17 5.12 -10.59
CA ASN A 162 -7.43 4.25 -11.49
C ASN A 162 -8.35 3.22 -12.16
N LEU A 163 -9.64 3.54 -12.23
CA LEU A 163 -10.62 2.65 -12.82
C LEU A 163 -10.49 1.22 -12.30
N ALA A 164 -10.25 1.10 -11.00
CA ALA A 164 -10.10 -0.18 -10.34
C ALA A 164 -9.05 -1.09 -10.98
N GLN A 165 -7.97 -0.50 -11.49
CA GLN A 165 -6.89 -1.27 -12.11
C GLN A 165 -5.72 -1.46 -11.17
N LEU A 166 -5.14 -2.66 -11.17
CA LEU A 166 -3.99 -2.96 -10.31
C LEU A 166 -2.72 -2.23 -10.77
N ASP A 167 -1.90 -1.82 -9.80
CA ASP A 167 -0.65 -1.14 -10.07
C ASP A 167 -0.80 0.06 -11.00
N ALA A 168 -1.78 0.91 -10.72
CA ALA A 168 -2.03 2.11 -11.49
C ALA A 168 -2.60 3.16 -10.56
N THR A 169 -2.15 4.40 -10.70
CA THR A 169 -2.63 5.48 -9.86
C THR A 169 -3.61 6.37 -10.60
N ASP A 170 -3.40 6.50 -11.92
CA ASP A 170 -4.28 7.32 -12.74
C ASP A 170 -5.06 6.46 -13.72
N PRO A 171 -6.11 7.03 -14.36
CA PRO A 171 -6.92 6.25 -15.30
C PRO A 171 -6.10 5.76 -16.49
N PRO A 172 -6.26 4.49 -16.85
CA PRO A 172 -5.52 3.93 -17.99
C PRO A 172 -6.03 4.59 -19.26
N ARG A 173 -5.12 4.83 -20.20
CA ARG A 173 -5.52 5.47 -21.45
C ARG A 173 -5.40 4.55 -22.66
N ASP A 174 -4.94 3.32 -22.44
CA ASP A 174 -4.79 2.41 -23.57
C ASP A 174 -5.43 1.04 -23.40
N LYS A 175 -5.22 0.41 -22.24
CA LYS A 175 -5.77 -0.92 -22.00
C LYS A 175 -6.35 -1.06 -20.60
N VAL A 176 -7.44 -1.83 -20.49
CA VAL A 176 -8.09 -2.03 -19.21
C VAL A 176 -8.58 -3.46 -19.02
N VAL A 177 -8.54 -3.92 -17.77
CA VAL A 177 -9.00 -5.26 -17.42
C VAL A 177 -10.27 -5.11 -16.60
N ILE A 178 -11.31 -5.83 -16.99
CA ILE A 178 -12.58 -5.77 -16.29
C ILE A 178 -12.85 -7.09 -15.56
N LEU A 179 -13.25 -6.99 -14.29
CA LEU A 179 -13.57 -8.18 -13.52
C LEU A 179 -15.01 -8.54 -13.83
N GLY A 180 -15.24 -9.77 -14.25
CA GLY A 180 -16.59 -10.18 -14.59
C GLY A 180 -17.01 -9.54 -15.89
N ASP A 181 -18.31 -9.49 -16.16
CA ASP A 181 -18.78 -8.91 -17.42
C ASP A 181 -18.84 -7.39 -17.48
N GLY A 182 -18.62 -6.73 -16.34
CA GLY A 182 -18.63 -5.28 -16.31
C GLY A 182 -20.01 -4.64 -16.27
N ASN A 183 -21.05 -5.42 -16.02
CA ASN A 183 -22.41 -4.87 -15.98
C ASN A 183 -23.00 -4.86 -14.58
N VAL A 184 -22.14 -4.70 -13.57
CA VAL A 184 -22.56 -4.65 -12.18
C VAL A 184 -22.38 -3.23 -11.65
N LYS A 185 -23.48 -2.65 -11.17
CA LYS A 185 -23.44 -1.29 -10.65
C LYS A 185 -22.54 -1.08 -9.45
N GLY A 186 -21.82 0.04 -9.47
CA GLY A 186 -20.95 0.43 -8.38
C GLY A 186 -21.39 1.83 -8.00
N ALA A 187 -21.10 2.27 -6.77
CA ALA A 187 -21.50 3.61 -6.33
C ALA A 187 -20.24 4.40 -5.97
N TYR A 188 -20.06 5.56 -6.63
CA TYR A 188 -18.88 6.40 -6.41
C TYR A 188 -19.22 7.77 -5.82
N VAL A 189 -18.33 8.27 -4.97
CA VAL A 189 -18.52 9.56 -4.32
C VAL A 189 -17.15 10.14 -3.94
N THR A 190 -17.00 11.45 -4.07
CA THR A 190 -15.72 12.07 -3.72
C THR A 190 -15.58 12.14 -2.21
N GLU A 191 -14.34 12.23 -1.74
CA GLU A 191 -14.09 12.32 -0.30
C GLU A 191 -14.75 13.58 0.26
N ALA A 192 -14.66 14.68 -0.49
CA ALA A 192 -15.25 15.93 -0.04
C ALA A 192 -16.76 15.75 0.19
N ASP A 193 -17.43 15.10 -0.77
CA ASP A 193 -18.86 14.88 -0.67
C ASP A 193 -19.21 13.94 0.48
N VAL A 194 -18.35 12.97 0.76
CA VAL A 194 -18.63 12.09 1.88
C VAL A 194 -18.64 12.94 3.15
N GLY A 195 -17.75 13.93 3.20
CA GLY A 195 -17.74 14.80 4.36
C GLY A 195 -19.08 15.52 4.48
N THR A 196 -19.54 16.07 3.38
CA THR A 196 -20.81 16.78 3.38
C THR A 196 -21.99 15.91 3.81
N PHE A 197 -22.10 14.71 3.24
CA PHE A 197 -23.20 13.82 3.61
C PHE A 197 -23.09 13.30 5.05
N THR A 198 -21.88 13.14 5.53
CA THR A 198 -21.70 12.66 6.90
C THR A 198 -22.25 13.70 7.89
N ILE A 199 -21.96 14.96 7.63
CA ILE A 199 -22.43 16.01 8.51
C ILE A 199 -23.94 16.21 8.35
N ARG A 200 -24.45 16.05 7.13
CA ARG A 200 -25.89 16.17 6.91
C ARG A 200 -26.57 15.11 7.78
N ALA A 201 -26.01 13.91 7.77
CA ALA A 201 -26.56 12.80 8.55
C ALA A 201 -26.43 13.09 10.05
N ALA A 202 -25.29 13.67 10.44
CA ALA A 202 -25.06 13.98 11.85
C ALA A 202 -26.13 14.94 12.40
N ASN A 203 -26.50 15.92 11.58
CA ASN A 203 -27.48 16.93 11.98
C ASN A 203 -28.94 16.52 11.73
N ASP A 204 -29.14 15.33 11.17
CA ASP A 204 -30.47 14.83 10.86
C ASP A 204 -30.95 13.83 11.91
N PRO A 205 -31.94 14.22 12.72
CA PRO A 205 -32.46 13.32 13.76
C PRO A 205 -32.98 12.00 13.22
N ASN A 206 -33.36 11.97 11.95
CA ASN A 206 -33.90 10.77 11.33
C ASN A 206 -32.90 9.64 11.13
N THR A 207 -31.61 9.93 11.29
CA THR A 207 -30.60 8.89 11.10
C THR A 207 -30.27 8.13 12.37
N LEU A 208 -31.06 8.37 13.44
CA LEU A 208 -30.85 7.68 14.70
C LEU A 208 -30.93 6.16 14.53
N ASN A 209 -29.86 5.47 14.92
CA ASN A 209 -29.78 4.02 14.83
C ASN A 209 -30.12 3.52 13.43
N LYS A 210 -29.61 4.23 12.43
CA LYS A 210 -29.83 3.89 11.02
C LYS A 210 -28.51 3.85 10.26
N ALA A 211 -28.51 3.14 9.14
CA ALA A 211 -27.36 3.08 8.27
C ALA A 211 -27.75 4.04 7.14
N VAL A 212 -26.86 4.96 6.80
CA VAL A 212 -27.12 5.93 5.72
C VAL A 212 -26.30 5.47 4.51
N HIS A 213 -26.98 5.26 3.40
CA HIS A 213 -26.34 4.76 2.18
C HIS A 213 -26.18 5.82 1.12
N ILE A 214 -24.97 5.92 0.58
CA ILE A 214 -24.70 6.88 -0.47
C ILE A 214 -24.62 6.17 -1.82
N ARG A 215 -25.69 6.28 -2.61
CA ARG A 215 -25.73 5.70 -3.96
C ARG A 215 -26.31 6.85 -4.78
N LEU A 216 -25.44 7.72 -5.29
CA LEU A 216 -25.87 8.88 -6.06
C LEU A 216 -26.17 8.51 -7.52
N PRO A 217 -27.39 8.85 -7.98
CA PRO A 217 -27.85 8.56 -9.34
C PRO A 217 -26.85 8.64 -10.49
N LYS A 218 -26.23 9.81 -10.67
CA LYS A 218 -25.28 9.97 -11.77
C LYS A 218 -23.95 9.28 -11.55
N ASN A 219 -23.74 8.77 -10.34
CA ASN A 219 -22.50 8.07 -9.99
C ASN A 219 -22.72 6.59 -9.74
N TYR A 220 -23.91 6.11 -10.05
CA TYR A 220 -24.27 4.70 -9.88
C TYR A 220 -23.99 4.14 -11.27
N LEU A 221 -22.81 3.56 -11.44
CA LEU A 221 -22.38 3.08 -12.75
C LEU A 221 -21.70 1.72 -12.76
N THR A 222 -21.93 0.96 -13.82
CA THR A 222 -21.28 -0.34 -13.96
C THR A 222 -19.87 -0.04 -14.46
N GLN A 223 -18.97 -1.00 -14.37
CA GLN A 223 -17.61 -0.76 -14.83
C GLN A 223 -17.60 -0.45 -16.34
N ASN A 224 -18.50 -1.07 -17.09
CA ASN A 224 -18.58 -0.82 -18.53
C ASN A 224 -19.01 0.63 -18.75
N GLU A 225 -19.92 1.12 -17.92
CA GLU A 225 -20.39 2.50 -18.03
C GLU A 225 -19.27 3.49 -17.65
N VAL A 226 -18.48 3.12 -16.64
CA VAL A 226 -17.37 3.97 -16.21
C VAL A 226 -16.35 4.09 -17.36
N ILE A 227 -16.00 2.94 -17.93
CA ILE A 227 -15.04 2.91 -19.04
C ILE A 227 -15.54 3.70 -20.25
N ALA A 228 -16.81 3.55 -20.58
CA ALA A 228 -17.38 4.28 -21.72
C ALA A 228 -17.34 5.79 -21.45
N LEU A 229 -17.58 6.18 -20.21
CA LEU A 229 -17.54 7.59 -19.82
C LEU A 229 -16.13 8.16 -20.03
N TRP A 230 -15.13 7.42 -19.56
CA TRP A 230 -13.73 7.84 -19.69
C TRP A 230 -13.32 7.89 -21.15
N GLU A 231 -13.71 6.90 -21.93
CA GLU A 231 -13.38 6.87 -23.36
C GLU A 231 -13.88 8.11 -24.06
N LYS A 232 -15.08 8.55 -23.70
CA LYS A 232 -15.66 9.74 -24.31
C LYS A 232 -14.81 10.95 -23.96
N LYS A 233 -14.28 10.97 -22.75
CA LYS A 233 -13.47 12.10 -22.29
C LYS A 233 -12.11 12.24 -22.98
N ILE A 234 -11.43 11.12 -23.22
CA ILE A 234 -10.12 11.21 -23.87
C ILE A 234 -10.18 10.98 -25.37
N GLY A 235 -11.38 10.73 -25.88
CA GLY A 235 -11.55 10.53 -27.31
C GLY A 235 -10.87 9.33 -27.95
N LYS A 236 -10.79 8.20 -27.25
CA LYS A 236 -10.21 7.00 -27.83
C LYS A 236 -10.80 5.78 -27.14
N THR A 237 -10.73 4.64 -27.82
CA THR A 237 -11.28 3.39 -27.29
C THR A 237 -10.21 2.57 -26.61
N LEU A 238 -10.50 2.11 -25.40
CA LEU A 238 -9.55 1.30 -24.65
C LEU A 238 -9.64 -0.17 -25.04
N GLU A 239 -8.51 -0.85 -25.02
CA GLU A 239 -8.49 -2.28 -25.31
C GLU A 239 -9.11 -2.88 -24.06
N LYS A 240 -9.98 -3.86 -24.21
CA LYS A 240 -10.65 -4.46 -23.07
C LYS A 240 -10.49 -5.97 -22.94
N THR A 241 -10.27 -6.41 -21.71
CA THR A 241 -10.14 -7.82 -21.39
C THR A 241 -11.07 -8.08 -20.22
N TYR A 242 -11.98 -9.04 -20.38
CA TYR A 242 -12.93 -9.39 -19.32
C TYR A 242 -12.49 -10.72 -18.73
N VAL A 243 -12.39 -10.78 -17.40
CA VAL A 243 -11.94 -11.97 -16.72
C VAL A 243 -13.04 -12.57 -15.85
N SER A 244 -13.23 -13.89 -15.98
CA SER A 244 -14.27 -14.61 -15.24
C SER A 244 -14.04 -14.61 -13.74
N GLU A 245 -15.13 -14.70 -12.98
CA GLU A 245 -15.04 -14.71 -11.53
C GLU A 245 -14.14 -15.84 -11.05
N GLU A 246 -14.28 -17.02 -11.65
CA GLU A 246 -13.46 -18.16 -11.24
C GLU A 246 -11.97 -17.82 -11.34
N GLN A 247 -11.60 -17.13 -12.41
CA GLN A 247 -10.20 -16.76 -12.61
C GLN A 247 -9.78 -15.69 -11.60
N VAL A 248 -10.70 -14.79 -11.26
CA VAL A 248 -10.40 -13.75 -10.29
C VAL A 248 -10.16 -14.37 -8.91
N LEU A 249 -11.03 -15.29 -8.52
CA LEU A 249 -10.92 -15.95 -7.22
C LEU A 249 -9.59 -16.71 -7.09
N LYS A 250 -9.17 -17.35 -8.17
CA LYS A 250 -7.92 -18.10 -8.16
C LYS A 250 -6.76 -17.12 -7.99
N ASP A 251 -6.86 -15.97 -8.66
CA ASP A 251 -5.84 -14.94 -8.60
C ASP A 251 -5.67 -14.45 -7.16
N ILE A 252 -6.79 -14.28 -6.46
CA ILE A 252 -6.77 -13.82 -5.08
C ILE A 252 -6.04 -14.81 -4.17
N GLN A 253 -6.37 -16.09 -4.31
CA GLN A 253 -5.75 -17.14 -3.49
C GLN A 253 -4.25 -17.27 -3.71
N GLU A 254 -3.79 -17.01 -4.92
CA GLU A 254 -2.38 -17.13 -5.26
C GLU A 254 -1.55 -15.86 -5.13
N SER A 255 -2.20 -14.73 -4.86
CA SER A 255 -1.48 -13.46 -4.73
C SER A 255 -1.01 -13.18 -3.32
N SER A 256 0.14 -12.52 -3.22
CA SER A 256 0.70 -12.17 -1.93
C SER A 256 -0.01 -10.93 -1.42
N PHE A 257 0.11 -10.67 -0.12
CA PHE A 257 -0.52 -9.49 0.48
C PHE A 257 0.31 -8.27 0.10
N PRO A 258 -0.33 -7.12 -0.09
CA PRO A 258 -1.77 -6.86 0.01
C PRO A 258 -2.51 -6.96 -1.33
N HIS A 259 -1.86 -7.53 -2.34
CA HIS A 259 -2.49 -7.66 -3.66
C HIS A 259 -3.76 -8.50 -3.60
N ASN A 260 -3.75 -9.54 -2.78
CA ASN A 260 -4.92 -10.39 -2.65
C ASN A 260 -6.07 -9.61 -2.02
N TYR A 261 -5.72 -8.75 -1.07
CA TYR A 261 -6.71 -7.93 -0.37
C TYR A 261 -7.38 -6.97 -1.35
N LEU A 262 -6.55 -6.33 -2.18
CA LEU A 262 -7.02 -5.38 -3.18
C LEU A 262 -7.97 -6.05 -4.16
N LEU A 263 -7.57 -7.20 -4.69
CA LEU A 263 -8.41 -7.92 -5.65
C LEU A 263 -9.71 -8.38 -5.02
N ALA A 264 -9.66 -8.78 -3.75
CA ALA A 264 -10.86 -9.23 -3.07
C ALA A 264 -11.81 -8.04 -2.89
N LEU A 265 -11.25 -6.87 -2.64
CA LEU A 265 -12.06 -5.65 -2.50
C LEU A 265 -12.77 -5.38 -3.82
N TYR A 266 -12.03 -5.43 -4.93
CA TYR A 266 -12.59 -5.19 -6.26
C TYR A 266 -13.61 -6.27 -6.62
N HIS A 267 -13.33 -7.52 -6.25
CA HIS A 267 -14.25 -8.62 -6.51
C HIS A 267 -15.62 -8.33 -5.91
N SER A 268 -15.63 -7.91 -4.65
CA SER A 268 -16.86 -7.60 -3.96
C SER A 268 -17.59 -6.40 -4.59
N GLN A 269 -16.82 -5.40 -5.01
CA GLN A 269 -17.40 -4.18 -5.58
C GLN A 269 -17.77 -4.31 -7.07
N GLN A 270 -16.95 -5.03 -7.81
CA GLN A 270 -17.14 -5.19 -9.26
C GLN A 270 -17.95 -6.40 -9.71
N ILE A 271 -17.83 -7.51 -9.00
CA ILE A 271 -18.53 -8.74 -9.37
C ILE A 271 -19.74 -9.05 -8.50
N LYS A 272 -19.56 -9.04 -7.19
CA LYS A 272 -20.67 -9.35 -6.30
C LYS A 272 -21.67 -8.21 -6.21
N GLY A 273 -21.25 -7.01 -6.59
CA GLY A 273 -22.13 -5.86 -6.54
C GLY A 273 -22.55 -5.48 -5.13
N ASP A 274 -21.57 -5.22 -4.26
CA ASP A 274 -21.90 -4.86 -2.89
C ASP A 274 -22.64 -3.53 -2.73
N ALA A 275 -22.73 -2.73 -3.79
CA ALA A 275 -23.46 -1.47 -3.72
C ALA A 275 -24.89 -1.66 -4.19
N VAL A 276 -25.21 -2.88 -4.62
CA VAL A 276 -26.53 -3.20 -5.12
C VAL A 276 -27.40 -3.92 -4.10
N TYR A 277 -28.45 -3.24 -3.66
CA TYR A 277 -29.39 -3.79 -2.67
C TYR A 277 -30.52 -2.80 -2.39
N GLU A 278 -31.67 -3.34 -1.99
CA GLU A 278 -32.81 -2.49 -1.65
C GLU A 278 -32.71 -2.27 -0.14
N ILE A 279 -33.09 -1.09 0.32
CA ILE A 279 -32.99 -0.84 1.76
C ILE A 279 -34.28 -1.08 2.51
N ASP A 280 -34.14 -1.22 3.81
CA ASP A 280 -35.24 -1.45 4.73
C ASP A 280 -35.48 -0.13 5.45
N PRO A 281 -36.65 0.49 5.26
CA PRO A 281 -36.96 1.78 5.90
C PRO A 281 -36.82 1.81 7.42
N ALA A 282 -36.93 0.64 8.06
CA ALA A 282 -36.81 0.58 9.50
C ALA A 282 -35.35 0.68 9.96
N LYS A 283 -34.41 0.42 9.06
CA LYS A 283 -33.00 0.45 9.44
C LYS A 283 -32.10 1.25 8.53
N ASP A 284 -32.60 1.65 7.37
CA ASP A 284 -31.78 2.38 6.39
C ASP A 284 -32.35 3.70 5.91
N ILE A 285 -31.44 4.58 5.49
CA ILE A 285 -31.78 5.88 4.94
C ILE A 285 -30.99 5.96 3.62
N GLU A 286 -31.65 6.40 2.55
CA GLU A 286 -30.99 6.54 1.24
C GLU A 286 -30.61 8.02 1.13
N ALA A 287 -29.32 8.32 1.18
CA ALA A 287 -28.87 9.71 1.12
C ALA A 287 -29.43 10.53 -0.03
N SER A 288 -29.48 9.96 -1.23
CA SER A 288 -29.99 10.70 -2.38
C SER A 288 -31.46 11.09 -2.21
N GLU A 289 -32.20 10.32 -1.40
CA GLU A 289 -33.62 10.59 -1.17
C GLU A 289 -33.84 11.54 0.00
N ALA A 290 -33.01 11.39 1.03
CA ALA A 290 -33.13 12.22 2.22
C ALA A 290 -32.52 13.60 2.06
N TYR A 291 -31.45 13.69 1.27
CA TYR A 291 -30.76 14.94 1.08
C TYR A 291 -30.56 15.27 -0.41
N PRO A 292 -31.67 15.36 -1.17
CA PRO A 292 -31.59 15.65 -2.61
C PRO A 292 -30.98 17.01 -2.96
N ASP A 293 -30.95 17.91 -1.98
CA ASP A 293 -30.41 19.24 -2.19
C ASP A 293 -28.88 19.29 -2.27
N VAL A 294 -28.21 18.24 -1.81
CA VAL A 294 -26.76 18.24 -1.85
C VAL A 294 -26.28 18.08 -3.29
N THR A 295 -25.56 19.07 -3.82
CA THR A 295 -25.07 19.02 -5.19
C THR A 295 -23.73 18.29 -5.22
N TYR A 296 -23.77 17.00 -5.53
CA TYR A 296 -22.55 16.20 -5.55
C TYR A 296 -21.75 16.27 -6.83
N THR A 297 -20.44 16.00 -6.70
CA THR A 297 -19.54 15.99 -7.84
C THR A 297 -19.79 14.68 -8.58
N THR A 298 -20.03 14.75 -9.88
CA THR A 298 -20.28 13.55 -10.65
C THR A 298 -19.01 12.80 -11.02
N ALA A 299 -19.14 11.52 -11.36
CA ALA A 299 -17.99 10.73 -11.75
C ALA A 299 -17.39 11.38 -12.99
N ASP A 300 -18.27 11.91 -13.84
CA ASP A 300 -17.84 12.58 -15.06
C ASP A 300 -16.97 13.79 -14.73
N GLU A 301 -17.43 14.61 -13.79
CA GLU A 301 -16.70 15.80 -13.37
C GLU A 301 -15.38 15.40 -12.69
N TYR A 302 -15.44 14.39 -11.83
CA TYR A 302 -14.25 13.93 -11.13
C TYR A 302 -13.12 13.55 -12.10
N LEU A 303 -13.46 12.81 -13.14
CA LEU A 303 -12.46 12.36 -14.10
C LEU A 303 -11.88 13.46 -14.99
N ASN A 304 -12.53 14.62 -15.04
CA ASN A 304 -12.05 15.71 -15.87
C ASN A 304 -10.64 16.16 -15.51
N GLN A 305 -10.26 16.04 -14.24
CA GLN A 305 -8.94 16.46 -13.82
C GLN A 305 -7.81 15.61 -14.41
N PHE A 306 -8.13 14.42 -14.90
CA PHE A 306 -7.12 13.53 -15.46
C PHE A 306 -7.04 13.57 -16.98
N VAL A 307 -7.98 14.27 -17.61
CA VAL A 307 -8.02 14.37 -19.06
C VAL A 307 -6.78 15.05 -19.63
N THR B 1 30.27 -22.25 -22.40
CA THR B 1 29.96 -21.61 -21.09
C THR B 1 28.48 -21.80 -20.74
N GLU B 2 28.19 -21.79 -19.45
CA GLU B 2 26.84 -21.98 -18.94
C GLU B 2 26.35 -20.63 -18.39
N ASN B 3 25.96 -19.74 -19.29
CA ASN B 3 25.51 -18.41 -18.89
C ASN B 3 24.06 -18.05 -19.25
N LYS B 4 23.21 -19.05 -19.42
CA LYS B 4 21.80 -18.80 -19.76
C LYS B 4 21.05 -18.42 -18.48
N ILE B 5 20.46 -17.23 -18.48
CA ILE B 5 19.74 -16.76 -17.30
C ILE B 5 18.23 -16.68 -17.49
N LEU B 6 17.51 -17.26 -16.53
CA LEU B 6 16.05 -17.24 -16.55
C LEU B 6 15.55 -16.33 -15.43
N ILE B 7 14.76 -15.32 -15.77
CA ILE B 7 14.23 -14.41 -14.77
C ILE B 7 12.75 -14.65 -14.52
N LEU B 8 12.41 -14.91 -13.26
CA LEU B 8 11.02 -15.12 -12.87
C LEU B 8 10.53 -13.75 -12.39
N GLY B 9 9.30 -13.39 -12.73
CA GLY B 9 8.77 -12.09 -12.36
C GLY B 9 9.52 -11.04 -13.19
N PRO B 10 9.74 -11.30 -14.49
CA PRO B 10 10.46 -10.38 -15.37
C PRO B 10 9.88 -8.99 -15.61
N THR B 11 8.57 -8.83 -15.42
CA THR B 11 7.94 -7.53 -15.64
C THR B 11 7.72 -6.75 -14.35
N GLY B 12 8.19 -7.31 -13.23
CA GLY B 12 8.04 -6.62 -11.96
C GLY B 12 8.93 -5.39 -11.87
N ALA B 13 8.71 -4.57 -10.85
CA ALA B 13 9.50 -3.35 -10.69
C ALA B 13 10.99 -3.61 -10.63
N ILE B 14 11.37 -4.74 -10.02
CA ILE B 14 12.79 -5.08 -9.91
C ILE B 14 13.22 -5.99 -11.06
N GLY B 15 12.40 -6.99 -11.37
CA GLY B 15 12.73 -7.91 -12.43
C GLY B 15 13.11 -7.29 -13.76
N ARG B 16 12.40 -6.24 -14.15
CA ARG B 16 12.68 -5.60 -15.43
C ARG B 16 14.13 -5.14 -15.56
N HIS B 17 14.70 -4.62 -14.48
CA HIS B 17 16.08 -4.13 -14.50
C HIS B 17 17.10 -5.27 -14.56
N ILE B 18 16.69 -6.45 -14.08
CA ILE B 18 17.55 -7.62 -14.13
C ILE B 18 17.53 -8.13 -15.57
N VAL B 19 16.36 -8.06 -16.22
CA VAL B 19 16.26 -8.50 -17.61
C VAL B 19 17.12 -7.59 -18.48
N TRP B 20 16.98 -6.28 -18.31
CA TRP B 20 17.76 -5.35 -19.12
C TRP B 20 19.26 -5.50 -18.86
N ALA B 21 19.64 -5.73 -17.60
CA ALA B 21 21.04 -5.89 -17.26
C ALA B 21 21.61 -7.17 -17.88
N SER B 22 20.79 -8.21 -17.95
CA SER B 22 21.21 -9.48 -18.52
C SER B 22 21.47 -9.31 -20.02
N ILE B 23 20.55 -8.61 -20.68
CA ILE B 23 20.68 -8.36 -22.11
C ILE B 23 21.94 -7.53 -22.40
N LYS B 24 22.14 -6.47 -21.62
CA LYS B 24 23.29 -5.59 -21.83
C LYS B 24 24.62 -6.32 -21.65
N ALA B 25 24.65 -7.27 -20.71
CA ALA B 25 25.86 -8.03 -20.44
C ALA B 25 26.16 -9.06 -21.52
N GLY B 26 25.19 -9.32 -22.38
CA GLY B 26 25.40 -10.28 -23.45
C GLY B 26 24.95 -11.70 -23.10
N ASN B 27 24.36 -11.87 -21.93
CA ASN B 27 23.90 -13.19 -21.51
C ASN B 27 22.65 -13.63 -22.25
N PRO B 28 22.56 -14.92 -22.61
CA PRO B 28 21.33 -15.36 -23.30
C PRO B 28 20.29 -15.14 -22.21
N THR B 29 19.26 -14.35 -22.51
CA THR B 29 18.27 -14.03 -21.50
C THR B 29 16.87 -14.59 -21.74
N TYR B 30 16.37 -15.30 -20.72
CA TYR B 30 15.05 -15.90 -20.78
C TYR B 30 14.12 -15.29 -19.73
N ALA B 31 12.86 -15.13 -20.08
CA ALA B 31 11.87 -14.57 -19.17
C ALA B 31 10.67 -15.50 -19.08
N LEU B 32 10.24 -15.80 -17.86
CA LEU B 32 9.10 -16.68 -17.65
C LEU B 32 7.82 -15.85 -17.62
N VAL B 33 6.96 -16.06 -18.62
CA VAL B 33 5.71 -15.34 -18.71
C VAL B 33 4.56 -16.24 -18.27
N ARG B 34 3.58 -15.64 -17.61
CA ARG B 34 2.42 -16.39 -17.11
C ARG B 34 1.61 -17.07 -18.20
N LYS B 35 1.03 -18.21 -17.83
CA LYS B 35 0.21 -19.00 -18.72
C LYS B 35 -1.25 -18.59 -18.51
N THR B 36 -1.66 -18.53 -17.25
CA THR B 36 -3.01 -18.15 -16.89
C THR B 36 -3.22 -16.64 -17.04
N ILE B 37 -4.47 -16.25 -17.27
CA ILE B 37 -4.82 -14.84 -17.42
C ILE B 37 -5.18 -14.24 -16.07
N THR B 38 -4.42 -13.23 -15.65
CA THR B 38 -4.66 -12.58 -14.37
C THR B 38 -5.29 -11.20 -14.56
N ALA B 39 -5.48 -10.49 -13.46
CA ALA B 39 -6.06 -9.16 -13.50
C ALA B 39 -4.95 -8.09 -13.43
N ALA B 40 -3.71 -8.53 -13.64
CA ALA B 40 -2.55 -7.64 -13.60
C ALA B 40 -2.67 -6.48 -14.58
N ASN B 41 -1.83 -5.45 -14.38
CA ASN B 41 -1.84 -4.26 -15.22
C ASN B 41 -1.42 -4.62 -16.65
N PRO B 42 -2.36 -4.57 -17.60
CA PRO B 42 -2.06 -4.91 -19.00
C PRO B 42 -1.05 -4.00 -19.68
N GLU B 43 -1.18 -2.69 -19.47
CA GLU B 43 -0.30 -1.73 -20.12
C GLU B 43 1.19 -1.90 -19.86
N THR B 44 1.58 -1.90 -18.60
CA THR B 44 3.00 -2.05 -18.27
C THR B 44 3.57 -3.39 -18.73
N LYS B 45 2.86 -4.47 -18.43
CA LYS B 45 3.31 -5.81 -18.79
C LYS B 45 3.53 -5.96 -20.29
N GLU B 46 2.54 -5.60 -21.10
CA GLU B 46 2.66 -5.73 -22.54
C GLU B 46 3.78 -4.84 -23.10
N GLU B 47 3.92 -3.65 -22.54
CA GLU B 47 4.98 -2.73 -22.97
C GLU B 47 6.35 -3.38 -22.77
N LEU B 48 6.56 -3.95 -21.59
CA LEU B 48 7.81 -4.60 -21.26
C LEU B 48 8.08 -5.83 -22.11
N ILE B 49 7.08 -6.71 -22.23
CA ILE B 49 7.25 -7.92 -23.02
C ILE B 49 7.65 -7.58 -24.46
N ASP B 50 7.00 -6.59 -25.05
CA ASP B 50 7.32 -6.19 -26.42
C ASP B 50 8.76 -5.72 -26.50
N ASN B 51 9.15 -4.90 -25.52
CA ASN B 51 10.51 -4.39 -25.47
C ASN B 51 11.51 -5.54 -25.32
N TYR B 52 11.20 -6.49 -24.44
CA TYR B 52 12.08 -7.63 -24.21
C TYR B 52 12.30 -8.41 -25.50
N GLN B 53 11.22 -8.69 -26.21
CA GLN B 53 11.32 -9.45 -27.45
C GLN B 53 12.16 -8.72 -28.50
N SER B 54 12.05 -7.39 -28.54
CA SER B 54 12.82 -6.61 -29.49
C SER B 54 14.30 -6.67 -29.14
N LEU B 55 14.60 -6.93 -27.88
CA LEU B 55 15.99 -7.01 -27.40
C LEU B 55 16.57 -8.41 -27.52
N GLY B 56 15.73 -9.38 -27.90
CA GLY B 56 16.20 -10.74 -28.05
C GLY B 56 15.95 -11.63 -26.84
N VAL B 57 15.10 -11.18 -25.92
CA VAL B 57 14.80 -11.97 -24.74
C VAL B 57 13.92 -13.15 -25.17
N ILE B 58 14.24 -14.34 -24.66
CA ILE B 58 13.47 -15.52 -24.99
C ILE B 58 12.36 -15.70 -23.96
N LEU B 59 11.12 -15.69 -24.44
CA LEU B 59 9.96 -15.84 -23.57
C LEU B 59 9.58 -17.29 -23.38
N LEU B 60 9.49 -17.71 -22.12
CA LEU B 60 9.12 -19.08 -21.79
C LEU B 60 7.79 -19.10 -21.04
N GLU B 61 6.78 -19.70 -21.66
CA GLU B 61 5.45 -19.81 -21.07
C GLU B 61 5.43 -20.81 -19.92
N GLY B 62 4.82 -20.41 -18.80
CA GLY B 62 4.75 -21.30 -17.66
C GLY B 62 4.29 -20.64 -16.37
N ASP B 63 3.63 -21.43 -15.53
CA ASP B 63 3.13 -20.95 -14.24
C ASP B 63 3.96 -21.59 -13.14
N ILE B 64 4.34 -20.78 -12.14
CA ILE B 64 5.13 -21.26 -11.02
C ILE B 64 4.41 -22.39 -10.28
N ASN B 65 3.09 -22.44 -10.41
CA ASN B 65 2.30 -23.46 -9.75
C ASN B 65 2.09 -24.68 -10.66
N ASP B 66 2.66 -24.63 -11.85
CA ASP B 66 2.54 -25.73 -12.81
C ASP B 66 3.90 -26.41 -12.92
N HIS B 67 4.20 -27.26 -11.96
CA HIS B 67 5.47 -27.98 -11.89
C HIS B 67 6.01 -28.44 -13.24
N GLU B 68 5.18 -29.14 -14.00
CA GLU B 68 5.57 -29.66 -15.31
C GLU B 68 6.14 -28.59 -16.23
N THR B 69 5.50 -27.42 -16.27
CA THR B 69 5.96 -26.33 -17.12
C THR B 69 7.18 -25.60 -16.55
N LEU B 70 7.31 -25.64 -15.23
CA LEU B 70 8.42 -24.98 -14.57
C LEU B 70 9.72 -25.74 -14.80
N VAL B 71 9.66 -27.07 -14.70
CA VAL B 71 10.83 -27.91 -14.91
C VAL B 71 11.30 -27.78 -16.36
N LYS B 72 10.34 -27.73 -17.27
CA LYS B 72 10.63 -27.63 -18.69
C LYS B 72 11.43 -26.36 -18.98
N ALA B 73 11.04 -25.27 -18.33
CA ALA B 73 11.72 -23.99 -18.50
C ALA B 73 13.09 -24.01 -17.85
N ILE B 74 13.16 -24.49 -16.62
CA ILE B 74 14.41 -24.55 -15.87
C ILE B 74 15.51 -25.35 -16.56
N LYS B 75 15.13 -26.41 -17.27
CA LYS B 75 16.10 -27.25 -17.97
C LYS B 75 16.79 -26.55 -19.13
N GLN B 76 16.22 -25.42 -19.58
CA GLN B 76 16.80 -24.68 -20.70
C GLN B 76 17.80 -23.62 -20.30
N VAL B 77 18.02 -23.45 -19.00
CA VAL B 77 18.96 -22.43 -18.52
C VAL B 77 19.96 -22.94 -17.49
N ASP B 78 20.86 -22.05 -17.07
CA ASP B 78 21.88 -22.39 -16.09
C ASP B 78 21.68 -21.63 -14.78
N ILE B 79 21.16 -20.42 -14.89
CA ILE B 79 20.92 -19.57 -13.72
C ILE B 79 19.46 -19.15 -13.63
N VAL B 80 18.87 -19.32 -12.46
CA VAL B 80 17.48 -18.95 -12.24
C VAL B 80 17.40 -17.83 -11.21
N ILE B 81 16.76 -16.73 -11.59
CA ILE B 81 16.63 -15.59 -10.69
C ILE B 81 15.15 -15.29 -10.45
N CYS B 82 14.74 -15.35 -9.19
CA CYS B 82 13.35 -15.08 -8.84
C CYS B 82 13.25 -13.64 -8.34
N ALA B 83 12.80 -12.74 -9.22
CA ALA B 83 12.67 -11.33 -8.86
C ALA B 83 11.45 -11.11 -7.97
N ALA B 84 11.69 -10.45 -6.84
CA ALA B 84 10.64 -10.16 -5.85
C ALA B 84 9.44 -9.48 -6.48
N GLY B 85 8.30 -10.15 -6.48
CA GLY B 85 7.10 -9.58 -7.06
C GLY B 85 5.81 -9.93 -6.33
N ARG B 86 4.80 -10.31 -7.09
CA ARG B 86 3.49 -10.67 -6.53
C ARG B 86 3.44 -12.13 -6.09
N LEU B 87 4.57 -12.82 -6.26
CA LEU B 87 4.67 -14.23 -5.89
C LEU B 87 4.83 -14.44 -4.39
N LEU B 88 4.04 -15.35 -3.83
CA LEU B 88 4.11 -15.66 -2.42
C LEU B 88 5.51 -16.20 -2.13
N ILE B 89 6.17 -15.64 -1.13
CA ILE B 89 7.52 -16.07 -0.76
C ILE B 89 7.56 -17.59 -0.54
N GLU B 90 6.48 -18.13 0.01
CA GLU B 90 6.41 -19.55 0.29
C GLU B 90 6.38 -20.42 -0.96
N ASP B 91 5.85 -19.87 -2.05
CA ASP B 91 5.76 -20.61 -3.31
C ASP B 91 7.13 -20.92 -3.91
N GLN B 92 8.19 -20.34 -3.34
CA GLN B 92 9.52 -20.61 -3.87
C GLN B 92 9.90 -22.07 -3.65
N VAL B 93 9.16 -22.75 -2.78
CA VAL B 93 9.41 -24.16 -2.52
C VAL B 93 9.10 -24.93 -3.81
N LYS B 94 8.10 -24.44 -4.55
CA LYS B 94 7.71 -25.06 -5.80
C LYS B 94 8.84 -24.88 -6.83
N ILE B 95 9.51 -23.74 -6.75
CA ILE B 95 10.61 -23.45 -7.66
C ILE B 95 11.81 -24.34 -7.33
N ILE B 96 12.07 -24.49 -6.03
CA ILE B 96 13.18 -25.32 -5.55
C ILE B 96 12.97 -26.78 -5.93
N LYS B 97 11.74 -27.26 -5.82
CA LYS B 97 11.44 -28.64 -6.17
C LYS B 97 11.72 -28.85 -7.65
N ALA B 98 11.35 -27.87 -8.47
CA ALA B 98 11.55 -27.94 -9.91
C ALA B 98 13.03 -27.87 -10.24
N ILE B 99 13.77 -27.00 -9.56
CA ILE B 99 15.20 -26.88 -9.80
C ILE B 99 15.88 -28.21 -9.52
N LYS B 100 15.55 -28.81 -8.39
CA LYS B 100 16.11 -30.10 -7.98
C LYS B 100 15.86 -31.16 -9.03
N GLU B 101 14.65 -31.20 -9.57
CA GLU B 101 14.31 -32.19 -10.58
C GLU B 101 15.05 -31.93 -11.88
N ALA B 102 15.18 -30.65 -12.25
CA ALA B 102 15.90 -30.30 -13.48
C ALA B 102 17.34 -30.81 -13.33
N GLY B 103 17.92 -30.54 -12.17
CA GLY B 103 19.28 -30.98 -11.86
C GLY B 103 20.44 -30.33 -12.59
N ASN B 104 20.14 -29.40 -13.49
CA ASN B 104 21.18 -28.73 -14.27
C ASN B 104 21.48 -27.30 -13.84
N VAL B 105 20.78 -26.81 -12.81
CA VAL B 105 20.98 -25.44 -12.36
C VAL B 105 22.31 -25.18 -11.66
N LYS B 106 23.01 -24.16 -12.15
CA LYS B 106 24.31 -23.79 -11.59
C LYS B 106 24.20 -22.81 -10.42
N LYS B 107 23.16 -22.00 -10.41
CA LYS B 107 22.99 -21.03 -9.31
C LYS B 107 21.57 -20.49 -9.28
N PHE B 108 21.01 -20.40 -8.07
CA PHE B 108 19.65 -19.92 -7.88
C PHE B 108 19.61 -18.67 -7.00
N PHE B 109 18.93 -17.64 -7.47
CA PHE B 109 18.78 -16.39 -6.75
C PHE B 109 17.35 -16.33 -6.21
N PRO B 110 17.15 -16.56 -4.90
CA PRO B 110 15.78 -16.49 -4.39
C PRO B 110 15.33 -15.04 -4.32
N SER B 111 14.04 -14.82 -4.06
CA SER B 111 13.49 -13.47 -3.99
C SER B 111 13.97 -12.73 -2.75
N GLU B 112 15.16 -12.16 -2.87
CA GLU B 112 15.78 -11.41 -1.78
C GLU B 112 15.59 -9.93 -2.13
N PHE B 113 16.65 -9.31 -2.65
CA PHE B 113 16.61 -7.91 -3.05
C PHE B 113 16.13 -6.93 -1.98
N GLY B 114 16.65 -7.13 -0.77
CA GLY B 114 16.33 -6.29 0.36
C GLY B 114 17.49 -6.38 1.34
N LEU B 115 17.18 -6.28 2.63
CA LEU B 115 18.23 -6.38 3.63
C LEU B 115 18.66 -7.83 3.77
N ASP B 116 19.68 -8.08 4.58
CA ASP B 116 20.14 -9.44 4.81
C ASP B 116 19.21 -9.96 5.90
N VAL B 117 18.28 -10.83 5.51
CA VAL B 117 17.30 -11.37 6.45
C VAL B 117 17.87 -12.22 7.58
N ASP B 118 19.17 -12.50 7.51
CA ASP B 118 19.83 -13.29 8.56
C ASP B 118 20.47 -12.31 9.55
N ARG B 119 20.32 -11.02 9.26
CA ARG B 119 20.88 -9.97 10.09
C ARG B 119 19.88 -8.85 10.36
N HIS B 120 18.82 -9.13 11.11
CA HIS B 120 17.86 -8.07 11.42
C HIS B 120 17.32 -8.22 12.83
N ASP B 121 16.71 -7.14 13.30
CA ASP B 121 16.10 -7.08 14.63
C ASP B 121 14.78 -6.33 14.45
N ALA B 122 14.09 -6.63 13.36
CA ALA B 122 12.82 -5.98 13.06
C ALA B 122 11.64 -6.47 13.91
N VAL B 123 10.60 -5.65 13.99
CA VAL B 123 9.41 -5.98 14.75
C VAL B 123 8.29 -6.31 13.77
N GLU B 124 7.19 -6.87 14.28
CA GLU B 124 6.06 -7.21 13.43
C GLU B 124 5.44 -5.90 12.96
N PRO B 125 4.76 -5.92 11.80
CA PRO B 125 4.53 -7.06 10.92
C PRO B 125 5.62 -7.39 9.90
N VAL B 126 6.70 -6.62 9.85
CA VAL B 126 7.73 -6.90 8.87
C VAL B 126 8.61 -8.08 9.26
N ARG B 127 8.76 -8.33 10.56
CA ARG B 127 9.59 -9.44 11.03
C ARG B 127 9.17 -10.75 10.37
N GLN B 128 7.86 -11.02 10.34
CA GLN B 128 7.36 -12.26 9.75
C GLN B 128 7.77 -12.42 8.30
N VAL B 129 7.83 -11.32 7.56
CA VAL B 129 8.22 -11.37 6.14
C VAL B 129 9.69 -11.75 6.00
N PHE B 130 10.54 -11.16 6.83
CA PHE B 130 11.97 -11.43 6.79
C PHE B 130 12.22 -12.88 7.18
N GLU B 131 11.49 -13.36 8.19
CA GLU B 131 11.66 -14.73 8.65
C GLU B 131 11.23 -15.74 7.59
N GLU B 132 10.23 -15.37 6.79
CA GLU B 132 9.79 -16.26 5.73
C GLU B 132 10.93 -16.45 4.75
N LYS B 133 11.58 -15.34 4.38
CA LYS B 133 12.69 -15.40 3.45
C LYS B 133 13.87 -16.19 4.00
N ALA B 134 14.13 -16.04 5.30
CA ALA B 134 15.22 -16.76 5.94
C ALA B 134 14.94 -18.26 5.90
N SER B 135 13.68 -18.64 6.06
CA SER B 135 13.31 -20.05 6.01
C SER B 135 13.61 -20.65 4.65
N ILE B 136 13.36 -19.87 3.60
CA ILE B 136 13.63 -20.31 2.24
C ILE B 136 15.14 -20.49 2.11
N ARG B 137 15.92 -19.62 2.75
CA ARG B 137 17.38 -19.72 2.70
C ARG B 137 17.84 -21.05 3.30
N ARG B 138 17.22 -21.41 4.43
CA ARG B 138 17.58 -22.65 5.12
C ARG B 138 17.22 -23.88 4.30
N VAL B 139 16.09 -23.81 3.60
CA VAL B 139 15.66 -24.91 2.77
C VAL B 139 16.69 -25.05 1.64
N ILE B 140 17.02 -23.91 1.03
CA ILE B 140 17.99 -23.90 -0.06
C ILE B 140 19.32 -24.53 0.37
N GLU B 141 19.84 -24.08 1.50
CA GLU B 141 21.11 -24.57 2.00
C GLU B 141 21.08 -26.05 2.39
N ALA B 142 20.02 -26.46 3.07
CA ALA B 142 19.88 -27.85 3.50
C ALA B 142 19.74 -28.79 2.31
N GLU B 143 19.04 -28.33 1.28
CA GLU B 143 18.81 -29.11 0.07
C GLU B 143 19.97 -29.04 -0.92
N GLY B 144 21.05 -28.36 -0.52
CA GLY B 144 22.22 -28.26 -1.38
C GLY B 144 22.08 -27.54 -2.70
N VAL B 145 21.09 -26.65 -2.82
CA VAL B 145 20.88 -25.90 -4.06
C VAL B 145 21.90 -24.76 -4.12
N PRO B 146 22.65 -24.65 -5.24
CA PRO B 146 23.65 -23.57 -5.37
C PRO B 146 22.89 -22.25 -5.35
N TYR B 147 23.39 -21.28 -4.61
CA TYR B 147 22.67 -20.02 -4.47
C TYR B 147 23.51 -18.76 -4.36
N THR B 148 22.81 -17.63 -4.46
CA THR B 148 23.38 -16.31 -4.29
C THR B 148 22.23 -15.49 -3.75
N TYR B 149 22.44 -14.84 -2.60
CA TYR B 149 21.40 -14.00 -1.99
C TYR B 149 21.79 -12.57 -2.31
N LEU B 150 21.00 -11.89 -3.14
CA LEU B 150 21.33 -10.51 -3.49
C LEU B 150 20.68 -9.57 -2.48
N CYS B 151 21.49 -9.06 -1.56
CA CYS B 151 21.02 -8.16 -0.50
C CYS B 151 21.36 -6.73 -0.87
N CYS B 152 20.42 -6.06 -1.52
CA CYS B 152 20.62 -4.68 -1.99
C CYS B 152 20.08 -3.58 -1.08
N HIS B 153 19.52 -3.97 0.06
CA HIS B 153 19.00 -3.01 1.01
C HIS B 153 17.93 -2.05 0.46
N ALA B 154 18.07 -0.75 0.68
CA ALA B 154 17.04 0.20 0.26
C ALA B 154 17.04 0.76 -1.16
N PHE B 155 15.99 0.43 -1.91
CA PHE B 155 15.85 0.94 -3.27
C PHE B 155 15.56 2.44 -3.19
N THR B 156 16.23 3.22 -4.03
CA THR B 156 16.03 4.65 -4.03
C THR B 156 14.58 5.01 -4.36
N GLY B 157 13.99 4.27 -5.31
CA GLY B 157 12.63 4.57 -5.72
C GLY B 157 11.56 4.28 -4.69
N TYR B 158 11.90 3.51 -3.66
CA TYR B 158 10.95 3.14 -2.63
C TYR B 158 11.20 3.84 -1.29
N PHE B 159 12.47 4.07 -0.95
CA PHE B 159 12.79 4.71 0.31
C PHE B 159 13.35 6.13 0.25
N LEU B 160 14.20 6.39 -0.74
CA LEU B 160 14.82 7.70 -0.85
C LEU B 160 13.92 8.76 -1.47
N ARG B 161 13.13 8.37 -2.45
CA ARG B 161 12.25 9.31 -3.14
C ARG B 161 11.41 10.19 -2.22
N ASN B 162 10.87 9.64 -1.13
CA ASN B 162 10.06 10.46 -0.24
C ASN B 162 10.67 10.62 1.15
N LEU B 163 11.99 10.41 1.23
CA LEU B 163 12.73 10.52 2.48
C LEU B 163 12.09 9.73 3.62
N ALA B 164 11.51 8.59 3.28
CA ALA B 164 10.88 7.71 4.25
C ALA B 164 9.81 8.40 5.09
N GLN B 165 9.03 9.26 4.45
CA GLN B 165 7.95 9.97 5.14
C GLN B 165 6.64 9.28 4.81
N LEU B 166 5.81 9.06 5.82
CA LEU B 166 4.51 8.44 5.59
C LEU B 166 3.63 9.37 4.76
N ASP B 167 2.76 8.77 3.95
CA ASP B 167 1.79 9.51 3.14
C ASP B 167 2.33 10.64 2.28
N ALA B 168 3.41 10.37 1.56
CA ALA B 168 4.01 11.35 0.67
C ALA B 168 4.72 10.60 -0.43
N THR B 169 4.74 11.18 -1.62
CA THR B 169 5.37 10.55 -2.77
C THR B 169 6.73 11.13 -3.11
N ASP B 170 6.88 12.44 -2.98
CA ASP B 170 8.14 13.10 -3.28
C ASP B 170 8.78 13.67 -2.01
N PRO B 171 10.01 14.18 -2.10
CA PRO B 171 10.68 14.76 -0.93
C PRO B 171 9.95 15.98 -0.37
N PRO B 172 10.02 16.18 0.94
CA PRO B 172 9.37 17.32 1.60
C PRO B 172 10.18 18.59 1.36
N ARG B 173 9.52 19.74 1.35
CA ARG B 173 10.26 20.97 1.14
C ARG B 173 10.20 21.89 2.36
N ASP B 174 9.46 21.48 3.40
CA ASP B 174 9.35 22.29 4.62
C ASP B 174 9.69 21.59 5.93
N LYS B 175 9.09 20.41 6.16
CA LYS B 175 9.30 19.67 7.41
C LYS B 175 9.55 18.19 7.17
N VAL B 176 10.34 17.58 8.06
CA VAL B 176 10.66 16.16 7.93
C VAL B 176 10.74 15.47 9.29
N VAL B 177 10.24 14.24 9.36
CA VAL B 177 10.29 13.48 10.59
C VAL B 177 11.43 12.47 10.43
N ILE B 178 12.21 12.33 11.49
CA ILE B 178 13.36 11.44 11.53
C ILE B 178 13.14 10.48 12.67
N LEU B 179 13.31 9.18 12.41
CA LEU B 179 13.11 8.18 13.46
C LEU B 179 14.40 7.97 14.24
N GLY B 180 14.29 8.08 15.56
CA GLY B 180 15.47 7.90 16.39
C GLY B 180 16.33 9.14 16.41
N ASP B 181 17.63 8.99 16.18
CA ASP B 181 18.56 10.11 16.21
C ASP B 181 19.03 10.56 14.84
N GLY B 182 18.69 9.80 13.79
CA GLY B 182 19.10 10.16 12.45
C GLY B 182 20.57 9.95 12.14
N ASN B 183 21.28 9.27 13.05
CA ASN B 183 22.70 9.02 12.83
C ASN B 183 23.03 7.54 12.63
N VAL B 184 22.08 6.80 12.06
CA VAL B 184 22.26 5.39 11.76
C VAL B 184 22.33 5.23 10.25
N LYS B 185 23.43 4.64 9.79
CA LYS B 185 23.64 4.45 8.36
C LYS B 185 22.64 3.55 7.65
N GLY B 186 22.25 3.99 6.46
CA GLY B 186 21.34 3.23 5.63
C GLY B 186 22.07 3.06 4.31
N ALA B 187 21.68 2.06 3.51
CA ALA B 187 22.32 1.80 2.22
C ALA B 187 21.30 1.91 1.09
N TYR B 188 21.56 2.83 0.16
CA TYR B 188 20.65 3.06 -0.96
C TYR B 188 21.22 2.71 -2.32
N VAL B 189 20.36 2.22 -3.21
CA VAL B 189 20.77 1.85 -4.56
C VAL B 189 19.57 1.95 -5.50
N THR B 190 19.80 2.39 -6.74
CA THR B 190 18.71 2.50 -7.69
C THR B 190 18.32 1.10 -8.20
N GLU B 191 17.07 0.96 -8.64
CA GLU B 191 16.61 -0.33 -9.15
C GLU B 191 17.45 -0.75 -10.35
N ALA B 192 17.84 0.21 -11.18
CA ALA B 192 18.64 -0.09 -12.36
C ALA B 192 20.00 -0.67 -11.97
N ASP B 193 20.61 -0.10 -10.93
CA ASP B 193 21.91 -0.57 -10.46
C ASP B 193 21.79 -1.94 -9.79
N VAL B 194 20.65 -2.21 -9.15
CA VAL B 194 20.47 -3.51 -8.52
C VAL B 194 20.49 -4.55 -9.63
N GLY B 195 19.88 -4.22 -10.76
CA GLY B 195 19.88 -5.14 -11.88
C GLY B 195 21.30 -5.41 -12.34
N THR B 196 22.08 -4.34 -12.46
CA THR B 196 23.47 -4.45 -12.89
C THR B 196 24.29 -5.31 -11.94
N PHE B 197 24.16 -5.07 -10.64
CA PHE B 197 24.91 -5.84 -9.67
C PHE B 197 24.44 -7.28 -9.61
N THR B 198 23.14 -7.50 -9.84
CA THR B 198 22.61 -8.85 -9.80
C THR B 198 23.23 -9.71 -10.90
N ILE B 199 23.33 -9.15 -12.10
CA ILE B 199 23.90 -9.88 -13.23
C ILE B 199 25.42 -10.02 -13.06
N ARG B 200 26.06 -9.00 -12.50
CA ARG B 200 27.50 -9.05 -12.25
C ARG B 200 27.75 -10.24 -11.32
N ALA B 201 26.93 -10.38 -10.28
CA ALA B 201 27.09 -11.47 -9.34
C ALA B 201 26.74 -12.81 -10.00
N ALA B 202 25.75 -12.80 -10.87
CA ALA B 202 25.32 -14.02 -11.56
C ALA B 202 26.44 -14.61 -12.42
N ASN B 203 27.23 -13.73 -13.05
CA ASN B 203 28.33 -14.18 -13.91
C ASN B 203 29.65 -14.41 -13.16
N ASP B 204 29.67 -14.10 -11.87
CA ASP B 204 30.86 -14.25 -11.05
C ASP B 204 30.89 -15.60 -10.33
N PRO B 205 31.79 -16.50 -10.74
CA PRO B 205 31.89 -17.82 -10.11
C PRO B 205 32.11 -17.74 -8.61
N ASN B 206 32.65 -16.62 -8.14
CA ASN B 206 32.93 -16.44 -6.72
C ASN B 206 31.72 -16.20 -5.82
N THR B 207 30.54 -16.00 -6.41
CA THR B 207 29.36 -15.78 -5.59
C THR B 207 28.59 -17.04 -5.22
N LEU B 208 29.06 -18.20 -5.68
CA LEU B 208 28.39 -19.46 -5.38
C LEU B 208 28.25 -19.66 -3.88
N ASN B 209 27.02 -19.85 -3.42
CA ASN B 209 26.72 -20.02 -2.01
C ASN B 209 27.18 -18.86 -1.15
N LYS B 210 26.92 -17.64 -1.61
CA LYS B 210 27.30 -16.45 -0.86
C LYS B 210 26.17 -15.44 -0.89
N ALA B 211 26.17 -14.57 0.11
CA ALA B 211 25.20 -13.48 0.16
C ALA B 211 26.03 -12.32 -0.37
N VAL B 212 25.51 -11.62 -1.37
CA VAL B 212 26.21 -10.47 -1.95
C VAL B 212 25.53 -9.21 -1.41
N HIS B 213 26.32 -8.38 -0.72
CA HIS B 213 25.80 -7.17 -0.10
C HIS B 213 26.12 -5.92 -0.88
N ILE B 214 25.09 -5.13 -1.17
CA ILE B 214 25.30 -3.88 -1.89
C ILE B 214 25.22 -2.75 -0.89
N ARG B 215 26.38 -2.21 -0.53
CA ARG B 215 26.52 -1.09 0.40
C ARG B 215 27.52 -0.17 -0.30
N LEU B 216 27.00 0.67 -1.19
CA LEU B 216 27.84 1.57 -1.96
C LEU B 216 28.31 2.77 -1.15
N PRO B 217 29.64 3.04 -1.16
CA PRO B 217 30.26 4.13 -0.42
C PRO B 217 29.53 5.46 -0.34
N LYS B 218 29.27 6.07 -1.49
CA LYS B 218 28.60 7.36 -1.52
C LYS B 218 27.12 7.30 -1.16
N ASN B 219 26.57 6.09 -1.09
CA ASN B 219 25.16 5.91 -0.77
C ASN B 219 24.91 5.30 0.61
N TYR B 220 25.97 5.17 1.40
CA TYR B 220 25.89 4.66 2.76
C TYR B 220 25.74 5.94 3.57
N LEU B 221 24.49 6.31 3.84
CA LEU B 221 24.16 7.56 4.51
C LEU B 221 23.14 7.47 5.64
N THR B 222 23.37 8.25 6.69
CA THR B 222 22.43 8.30 7.81
C THR B 222 21.28 9.18 7.32
N GLN B 223 20.16 9.19 8.04
CA GLN B 223 19.02 10.01 7.63
C GLN B 223 19.42 11.48 7.71
N ASN B 224 20.20 11.85 8.72
CA ASN B 224 20.66 13.23 8.86
C ASN B 224 21.47 13.63 7.62
N GLU B 225 22.26 12.70 7.12
CA GLU B 225 23.09 12.96 5.93
C GLU B 225 22.23 13.06 4.68
N VAL B 226 21.21 12.21 4.57
CA VAL B 226 20.33 12.25 3.41
C VAL B 226 19.60 13.59 3.39
N ILE B 227 19.12 14.03 4.55
CA ILE B 227 18.40 15.28 4.62
C ILE B 227 19.29 16.46 4.25
N ALA B 228 20.55 16.43 4.69
CA ALA B 228 21.48 17.51 4.39
C ALA B 228 21.70 17.62 2.88
N LEU B 229 21.73 16.47 2.21
CA LEU B 229 21.92 16.42 0.76
C LEU B 229 20.76 17.15 0.09
N TRP B 230 19.55 16.86 0.54
CA TRP B 230 18.35 17.46 -0.01
C TRP B 230 18.31 18.96 0.31
N GLU B 231 18.61 19.31 1.55
CA GLU B 231 18.59 20.72 1.97
C GLU B 231 19.53 21.56 1.12
N LYS B 232 20.67 20.99 0.74
CA LYS B 232 21.63 21.70 -0.08
C LYS B 232 21.00 21.99 -1.45
N LYS B 233 20.24 21.04 -1.98
CA LYS B 233 19.60 21.19 -3.29
C LYS B 233 18.43 22.16 -3.33
N ILE B 234 17.64 22.22 -2.26
CA ILE B 234 16.50 23.13 -2.27
C ILE B 234 16.85 24.51 -1.71
N GLY B 235 18.10 24.66 -1.26
CA GLY B 235 18.56 25.93 -0.74
C GLY B 235 17.91 26.41 0.54
N LYS B 236 17.46 25.48 1.38
CA LYS B 236 16.84 25.83 2.64
C LYS B 236 16.92 24.65 3.59
N THR B 237 16.80 24.91 4.87
CA THR B 237 16.86 23.84 5.86
C THR B 237 15.43 23.39 6.19
N LEU B 238 15.25 22.10 6.44
CA LEU B 238 13.93 21.59 6.79
C LEU B 238 13.77 21.60 8.31
N GLU B 239 12.52 21.74 8.77
CA GLU B 239 12.25 21.70 10.20
C GLU B 239 12.35 20.20 10.50
N LYS B 240 13.16 19.83 11.46
CA LYS B 240 13.40 18.42 11.77
C LYS B 240 12.74 17.96 13.07
N THR B 241 11.92 16.92 12.97
CA THR B 241 11.26 16.37 14.15
C THR B 241 11.83 14.98 14.41
N TYR B 242 12.40 14.78 15.59
CA TYR B 242 12.96 13.48 15.93
C TYR B 242 12.00 12.71 16.82
N VAL B 243 11.55 11.56 16.32
CA VAL B 243 10.61 10.72 17.05
C VAL B 243 11.35 9.60 17.77
N SER B 244 11.05 9.43 19.04
CA SER B 244 11.70 8.41 19.86
C SER B 244 11.35 7.01 19.41
N GLU B 245 12.24 6.06 19.68
CA GLU B 245 11.96 4.67 19.31
C GLU B 245 10.71 4.22 20.05
N GLU B 246 10.56 4.63 21.30
CA GLU B 246 9.39 4.25 22.08
C GLU B 246 8.09 4.61 21.37
N GLN B 247 8.02 5.83 20.85
CA GLN B 247 6.81 6.27 20.16
C GLN B 247 6.63 5.54 18.84
N VAL B 248 7.71 5.31 18.12
CA VAL B 248 7.63 4.61 16.84
C VAL B 248 7.02 3.23 17.07
N LEU B 249 7.54 2.51 18.06
CA LEU B 249 7.02 1.17 18.35
C LEU B 249 5.53 1.21 18.69
N LYS B 250 5.11 2.27 19.39
CA LYS B 250 3.70 2.42 19.73
C LYS B 250 2.88 2.70 18.48
N ASP B 251 3.41 3.56 17.61
CA ASP B 251 2.72 3.90 16.36
C ASP B 251 2.52 2.64 15.52
N ILE B 252 3.52 1.77 15.49
CA ILE B 252 3.42 0.53 14.72
C ILE B 252 2.29 -0.36 15.26
N GLN B 253 2.22 -0.49 16.58
CA GLN B 253 1.20 -1.33 17.20
C GLN B 253 -0.20 -0.74 17.14
N GLU B 254 -0.29 0.58 17.07
CA GLU B 254 -1.59 1.26 17.06
C GLU B 254 -2.09 1.74 15.70
N SER B 255 -1.38 1.38 14.63
CA SER B 255 -1.79 1.82 13.30
C SER B 255 -2.20 0.69 12.37
N SER B 256 -3.13 1.00 11.48
CA SER B 256 -3.61 0.02 10.50
C SER B 256 -2.63 0.03 9.35
N PHE B 257 -2.79 -0.90 8.43
CA PHE B 257 -1.93 -1.00 7.26
C PHE B 257 -2.32 0.18 6.36
N PRO B 258 -1.37 0.73 5.58
CA PRO B 258 0.04 0.38 5.43
C PRO B 258 1.00 1.00 6.45
N HIS B 259 0.51 1.88 7.31
CA HIS B 259 1.38 2.53 8.28
C HIS B 259 2.17 1.59 9.17
N ASN B 260 1.53 0.55 9.70
CA ASN B 260 2.26 -0.36 10.58
C ASN B 260 3.43 -1.02 9.87
N TYR B 261 3.21 -1.44 8.64
CA TYR B 261 4.24 -2.09 7.83
C TYR B 261 5.37 -1.13 7.46
N LEU B 262 5.01 0.04 6.94
CA LEU B 262 6.01 1.02 6.55
C LEU B 262 6.85 1.47 7.74
N LEU B 263 6.21 1.79 8.86
CA LEU B 263 6.97 2.22 10.02
C LEU B 263 7.88 1.11 10.54
N ALA B 264 7.45 -0.15 10.46
CA ALA B 264 8.28 -1.25 10.91
C ALA B 264 9.51 -1.37 10.00
N LEU B 265 9.32 -1.15 8.71
CA LEU B 265 10.44 -1.19 7.76
C LEU B 265 11.43 -0.07 8.08
N TYR B 266 10.91 1.14 8.30
CA TYR B 266 11.77 2.29 8.60
C TYR B 266 12.48 2.12 9.94
N HIS B 267 11.79 1.53 10.91
CA HIS B 267 12.37 1.28 12.23
C HIS B 267 13.58 0.36 12.10
N SER B 268 13.44 -0.70 11.31
CA SER B 268 14.53 -1.63 11.11
C SER B 268 15.73 -0.95 10.45
N GLN B 269 15.46 -0.07 9.48
CA GLN B 269 16.53 0.62 8.77
C GLN B 269 17.16 1.76 9.54
N GLN B 270 16.32 2.69 9.97
CA GLN B 270 16.77 3.90 10.64
C GLN B 270 17.10 3.84 12.14
N ILE B 271 16.49 2.91 12.87
CA ILE B 271 16.78 2.82 14.30
C ILE B 271 17.62 1.59 14.65
N LYS B 272 17.25 0.44 14.10
CA LYS B 272 17.99 -0.78 14.37
C LYS B 272 19.26 -0.90 13.53
N GLY B 273 19.32 -0.15 12.43
CA GLY B 273 20.48 -0.19 11.55
C GLY B 273 20.69 -1.53 10.87
N ASP B 274 19.69 -2.00 10.13
CA ASP B 274 19.84 -3.29 9.45
C ASP B 274 20.89 -3.32 8.35
N ALA B 275 21.35 -2.15 7.90
CA ALA B 275 22.39 -2.11 6.87
C ALA B 275 23.76 -1.96 7.50
N VAL B 276 23.80 -1.93 8.84
CA VAL B 276 25.06 -1.80 9.57
C VAL B 276 25.53 -3.14 10.13
N TYR B 277 26.66 -3.64 9.61
CA TYR B 277 27.22 -4.91 10.05
C TYR B 277 28.52 -5.24 9.32
N GLU B 278 29.34 -6.08 9.94
CA GLU B 278 30.59 -6.52 9.33
C GLU B 278 30.22 -7.86 8.69
N ILE B 279 30.70 -8.11 7.48
CA ILE B 279 30.37 -9.36 6.80
C ILE B 279 31.19 -10.53 7.30
N ASP B 280 30.71 -11.74 6.98
CA ASP B 280 31.38 -12.98 7.34
C ASP B 280 31.97 -13.53 6.05
N PRO B 281 33.30 -13.43 5.88
CA PRO B 281 33.98 -13.92 4.68
C PRO B 281 33.56 -15.30 4.22
N ALA B 282 33.16 -16.16 5.15
CA ALA B 282 32.75 -17.51 4.80
C ALA B 282 31.42 -17.57 4.05
N LYS B 283 30.57 -16.56 4.25
CA LYS B 283 29.26 -16.56 3.61
C LYS B 283 28.89 -15.26 2.91
N ASP B 284 29.66 -14.20 3.11
CA ASP B 284 29.33 -12.91 2.52
C ASP B 284 30.36 -12.33 1.56
N ILE B 285 29.88 -11.44 0.69
CA ILE B 285 30.71 -10.73 -0.28
C ILE B 285 30.24 -9.28 -0.30
N GLU B 286 31.17 -8.35 -0.14
CA GLU B 286 30.86 -6.92 -0.16
C GLU B 286 30.99 -6.48 -1.62
N ALA B 287 29.86 -6.17 -2.26
CA ALA B 287 29.85 -5.79 -3.66
C ALA B 287 30.82 -4.67 -4.04
N SER B 288 30.87 -3.63 -3.21
CA SER B 288 31.75 -2.50 -3.52
C SER B 288 33.22 -2.92 -3.52
N GLU B 289 33.52 -3.98 -2.78
CA GLU B 289 34.87 -4.49 -2.69
C GLU B 289 35.21 -5.44 -3.83
N ALA B 290 34.28 -6.32 -4.18
CA ALA B 290 34.52 -7.29 -5.24
C ALA B 290 34.40 -6.71 -6.64
N TYR B 291 33.55 -5.70 -6.79
CA TYR B 291 33.33 -5.09 -8.10
C TYR B 291 33.58 -3.58 -8.14
N PRO B 292 34.83 -3.15 -7.93
CA PRO B 292 35.12 -1.71 -7.95
C PRO B 292 34.92 -1.09 -9.33
N ASP B 293 34.76 -1.94 -10.32
CA ASP B 293 34.57 -1.51 -11.71
C ASP B 293 33.15 -0.99 -11.95
N VAL B 294 32.20 -1.50 -11.18
CA VAL B 294 30.81 -1.10 -11.37
C VAL B 294 30.49 0.30 -10.89
N THR B 295 30.13 1.17 -11.84
CA THR B 295 29.79 2.54 -11.52
C THR B 295 28.35 2.54 -11.05
N TYR B 296 28.00 3.46 -10.17
CA TYR B 296 26.64 3.54 -9.67
C TYR B 296 26.12 4.97 -9.52
N THR B 297 24.80 5.08 -9.52
CA THR B 297 24.13 6.36 -9.36
C THR B 297 24.14 6.70 -7.87
N THR B 298 24.65 7.88 -7.54
CA THR B 298 24.70 8.28 -6.14
C THR B 298 23.36 8.81 -5.67
N ALA B 299 23.16 8.80 -4.35
CA ALA B 299 21.92 9.31 -3.80
C ALA B 299 21.82 10.80 -4.14
N ASP B 300 22.96 11.47 -4.15
CA ASP B 300 23.01 12.90 -4.46
C ASP B 300 22.49 13.15 -5.88
N GLU B 301 22.92 12.34 -6.84
CA GLU B 301 22.46 12.50 -8.21
C GLU B 301 20.98 12.15 -8.33
N TYR B 302 20.59 11.05 -7.70
CA TYR B 302 19.19 10.60 -7.74
C TYR B 302 18.20 11.67 -7.34
N LEU B 303 18.50 12.42 -6.28
CA LEU B 303 17.59 13.44 -5.79
C LEU B 303 17.41 14.66 -6.69
N ASN B 304 18.33 14.89 -7.62
CA ASN B 304 18.23 16.05 -8.49
C ASN B 304 16.93 16.13 -9.30
N GLN B 305 16.40 14.97 -9.68
CA GLN B 305 15.18 14.94 -10.48
C GLN B 305 13.93 15.49 -9.78
N PHE B 306 13.98 15.60 -8.45
CA PHE B 306 12.82 16.09 -7.72
C PHE B 306 12.88 17.57 -7.33
N VAL B 307 14.03 18.19 -7.57
CA VAL B 307 14.18 19.61 -7.23
C VAL B 307 13.28 20.47 -8.12
#